data_2ZNN
#
_entry.id   2ZNN
#
_cell.length_a   44.370
_cell.length_b   61.530
_cell.length_c   53.120
_cell.angle_alpha   90.00
_cell.angle_beta   106.29
_cell.angle_gamma   90.00
#
_symmetry.space_group_name_H-M   'P 1 21 1'
#
loop_
_entity.id
_entity.type
_entity.pdbx_description
1 polymer 'Peroxisome proliferator-activated receptor alpha'
2 non-polymer '(2S)-2-(4-propoxy-3-{[({4-[(3S,5S,7S)-tricyclo[3.3.1.1~3,7~]dec-1-yl]phenyl}carbonyl)amino]methyl}benzyl)butanoic acid'
3 water water
#
_entity_poly.entity_id   1
_entity_poly.type   'polypeptide(L)'
_entity_poly.pdbx_seq_one_letter_code
;GSHMTADLKSLAKRIYEAYLKNFNMNKVKARVILSGKASNNPPFVIHDMETLCMAEKTLVAKLVANGIQNKEAEVRIFHC
CQCTSVETVTELTEFAKAIPGFANLDLNDQVTLLKYGVYEAIFAMLSSVMNKDGMLVAYGNGFITREFLKSLRKPFCDIM
EPKFDFAMKFNALELDDSDISLFVAAIICCGDRPGLLNVGHIEKMQEGIVHVLRLHLQSNHPDDIFLFPKLLQKMADLRQ
LVTEHAQLVQIIKKTESDAALHPLLQEIYRDMY
;
_entity_poly.pdbx_strand_id   A
#
loop_
_chem_comp.id
_chem_comp.type
_chem_comp.name
_chem_comp.formula
S44 non-polymer '(2S)-2-(4-propoxy-3-{[({4-[(3S,5S,7S)-tricyclo[3.3.1.1~3,7~]dec-1-yl]phenyl}carbonyl)amino]methyl}benzyl)butanoic acid' 'C32 H41 N O4'
#
# COMPACT_ATOMS: atom_id res chain seq x y z
N ASP A 7 -10.60 26.56 -6.62
CA ASP A 7 -11.34 25.36 -6.12
C ASP A 7 -10.52 24.07 -6.19
N LEU A 8 -9.58 24.01 -7.12
CA LEU A 8 -8.73 22.81 -7.24
C LEU A 8 -7.77 22.79 -6.06
N LYS A 9 -7.35 23.96 -5.62
CA LYS A 9 -6.43 24.07 -4.50
C LYS A 9 -7.15 23.58 -3.25
N SER A 10 -8.42 23.96 -3.12
CA SER A 10 -9.21 23.53 -1.97
C SER A 10 -9.40 22.03 -2.06
N LEU A 11 -9.66 21.55 -3.26
CA LEU A 11 -9.86 20.12 -3.49
C LEU A 11 -8.64 19.32 -2.99
N ALA A 12 -7.47 19.74 -3.45
CA ALA A 12 -6.22 19.09 -3.06
C ALA A 12 -6.15 19.02 -1.54
N LYS A 13 -6.45 20.13 -0.89
CA LYS A 13 -6.44 20.20 0.56
C LYS A 13 -7.39 19.17 1.17
N ARG A 14 -8.62 19.10 0.66
CA ARG A 14 -9.62 18.13 1.14
C ARG A 14 -9.08 16.70 1.11
N ILE A 15 -8.45 16.33 0.00
CA ILE A 15 -7.89 14.99 -0.16
C ILE A 15 -6.81 14.75 0.87
N TYR A 16 -5.97 15.76 1.06
CA TYR A 16 -4.87 15.68 2.02
C TYR A 16 -5.40 15.47 3.44
N GLU A 17 -6.44 16.24 3.80
CA GLU A 17 -7.01 16.12 5.13
C GLU A 17 -7.64 14.75 5.34
N ALA A 18 -8.34 14.24 4.33
CA ALA A 18 -8.96 12.93 4.44
C ALA A 18 -7.87 11.88 4.64
N TYR A 19 -6.75 12.09 3.96
CA TYR A 19 -5.60 11.19 4.04
C TYR A 19 -5.07 11.16 5.48
N LEU A 20 -4.78 12.34 6.01
CA LEU A 20 -4.25 12.45 7.37
C LEU A 20 -5.25 11.89 8.39
N LYS A 21 -6.53 12.00 8.05
CA LYS A 21 -7.60 11.55 8.91
C LYS A 21 -7.93 10.04 8.86
N ASN A 22 -7.77 9.42 7.70
CA ASN A 22 -8.10 8.00 7.54
C ASN A 22 -6.96 6.95 7.64
N PHE A 23 -5.72 7.37 7.47
CA PHE A 23 -4.61 6.41 7.55
C PHE A 23 -3.83 6.61 8.85
N ASN A 24 -3.64 5.51 9.59
CA ASN A 24 -2.93 5.57 10.86
C ASN A 24 -1.48 6.02 10.69
N MET A 25 -0.92 5.75 9.52
CA MET A 25 0.46 6.13 9.26
C MET A 25 0.58 7.08 8.07
N ASN A 26 1.54 7.99 8.16
CA ASN A 26 1.82 8.96 7.08
C ASN A 26 3.33 9.24 7.07
N LYS A 27 3.83 9.86 6.01
CA LYS A 27 5.26 10.12 5.91
C LYS A 27 5.86 10.89 7.09
N VAL A 28 5.22 11.98 7.52
CA VAL A 28 5.74 12.75 8.64
C VAL A 28 5.89 11.90 9.91
N LYS A 29 4.84 11.18 10.29
CA LYS A 29 4.89 10.33 11.48
C LYS A 29 5.99 9.27 11.36
N ALA A 30 6.05 8.66 10.18
CA ALA A 30 7.06 7.64 9.91
C ALA A 30 8.46 8.19 10.12
N ARG A 31 8.70 9.37 9.56
CA ARG A 31 10.01 10.00 9.66
C ARG A 31 10.37 10.43 11.07
N VAL A 32 9.40 10.93 11.82
CA VAL A 32 9.69 11.34 13.19
C VAL A 32 10.16 10.10 13.94
N ILE A 33 9.44 8.99 13.76
CA ILE A 33 9.79 7.74 14.43
C ILE A 33 11.15 7.22 13.98
N LEU A 34 11.44 7.33 12.68
CA LEU A 34 12.71 6.87 12.14
C LEU A 34 13.85 7.86 12.34
N SER A 35 13.58 8.92 13.10
CA SER A 35 14.59 9.97 13.39
C SER A 35 15.88 9.34 13.88
N PRO A 43 11.48 2.28 18.42
CA PRO A 43 10.93 1.07 17.79
C PRO A 43 11.82 -0.12 18.11
N PHE A 44 11.21 -1.26 18.39
CA PHE A 44 11.98 -2.46 18.68
C PHE A 44 12.49 -2.97 17.34
N VAL A 45 13.77 -3.31 17.28
CA VAL A 45 14.36 -3.77 16.03
C VAL A 45 14.36 -5.28 15.89
N ILE A 46 13.77 -5.74 14.78
CA ILE A 46 13.71 -7.16 14.46
C ILE A 46 14.77 -7.35 13.38
N HIS A 47 15.88 -8.01 13.74
CA HIS A 47 16.97 -8.23 12.79
C HIS A 47 17.37 -9.70 12.64
N ASP A 48 16.83 -10.56 13.50
CA ASP A 48 17.12 -11.99 13.47
C ASP A 48 15.96 -12.76 14.09
N MET A 49 16.08 -14.09 14.19
CA MET A 49 15.00 -14.89 14.75
C MET A 49 14.72 -14.58 16.21
N GLU A 50 15.77 -14.33 16.99
CA GLU A 50 15.56 -14.01 18.40
C GLU A 50 14.68 -12.77 18.56
N THR A 51 15.10 -11.66 17.96
CA THR A 51 14.33 -10.42 18.05
C THR A 51 12.93 -10.57 17.44
N LEU A 52 12.79 -11.43 16.44
CA LEU A 52 11.50 -11.69 15.82
C LEU A 52 10.53 -12.29 16.85
N CYS A 53 10.98 -13.39 17.47
CA CYS A 53 10.18 -14.08 18.48
C CYS A 53 9.85 -13.18 19.66
N MET A 54 10.82 -12.35 20.06
CA MET A 54 10.60 -11.40 21.16
C MET A 54 9.53 -10.39 20.76
N ALA A 55 9.65 -9.87 19.54
CA ALA A 55 8.70 -8.91 19.04
C ALA A 55 7.27 -9.46 19.00
N GLU A 56 7.14 -10.72 18.59
CA GLU A 56 5.83 -11.37 18.52
C GLU A 56 5.18 -11.50 19.89
N LYS A 57 5.95 -11.93 20.89
CA LYS A 57 5.42 -12.09 22.25
C LYS A 57 4.92 -10.76 22.80
N THR A 58 5.56 -9.68 22.39
CA THR A 58 5.19 -8.37 22.87
C THR A 58 4.12 -7.67 22.04
N LEU A 59 4.23 -7.77 20.72
CA LEU A 59 3.30 -7.07 19.84
C LEU A 59 2.11 -7.82 19.27
N VAL A 60 2.18 -9.15 19.23
CA VAL A 60 1.08 -9.97 18.74
C VAL A 60 1.11 -11.28 19.51
N ALA A 61 1.13 -11.16 20.84
CA ALA A 61 1.19 -12.30 21.74
C ALA A 61 0.28 -13.46 21.32
N LYS A 62 -1.00 -13.15 21.14
CA LYS A 62 -2.00 -14.14 20.75
C LYS A 62 -1.40 -15.06 19.69
N LEU A 63 -0.88 -14.46 18.62
CA LEU A 63 -0.30 -15.22 17.52
C LEU A 63 0.72 -16.30 17.94
N VAL A 64 1.34 -16.13 19.09
CA VAL A 64 2.32 -17.12 19.53
C VAL A 64 2.02 -17.77 20.87
N ALA A 65 0.82 -17.52 21.38
CA ALA A 65 0.41 -18.11 22.66
C ALA A 65 -0.15 -19.52 22.40
N ASN A 66 0.60 -20.34 21.66
CA ASN A 66 0.16 -21.71 21.32
C ASN A 66 1.28 -22.74 21.50
N GLY A 67 1.18 -23.83 20.73
CA GLY A 67 2.19 -24.88 20.80
C GLY A 67 2.90 -25.08 19.47
N ASN A 70 2.39 -23.46 17.12
CA ASN A 70 2.79 -22.29 16.36
C ASN A 70 3.43 -22.72 15.04
N LYS A 71 3.11 -21.99 13.98
CA LYS A 71 3.67 -22.30 12.67
C LYS A 71 5.07 -21.73 12.48
N GLU A 72 5.68 -22.12 11.37
CA GLU A 72 7.01 -21.68 11.01
C GLU A 72 7.09 -20.16 11.01
N ALA A 73 8.23 -19.62 11.45
CA ALA A 73 8.42 -18.17 11.50
C ALA A 73 7.96 -17.47 10.22
N GLU A 74 8.35 -18.01 9.06
CA GLU A 74 7.99 -17.44 7.77
C GLU A 74 6.49 -17.24 7.60
N VAL A 75 5.71 -18.24 7.99
CA VAL A 75 4.26 -18.19 7.88
C VAL A 75 3.65 -17.18 8.84
N ARG A 76 4.21 -17.12 10.05
CA ARG A 76 3.74 -16.16 11.05
C ARG A 76 3.86 -14.76 10.49
N ILE A 77 4.99 -14.46 9.87
CA ILE A 77 5.19 -13.15 9.27
C ILE A 77 4.18 -12.92 8.16
N PHE A 78 4.02 -13.92 7.30
CA PHE A 78 3.07 -13.86 6.17
C PHE A 78 1.68 -13.46 6.66
N HIS A 79 1.25 -14.10 7.75
CA HIS A 79 -0.06 -13.82 8.33
C HIS A 79 -0.16 -12.37 8.79
N CYS A 80 0.90 -11.90 9.46
CA CYS A 80 0.94 -10.53 9.94
C CYS A 80 0.85 -9.53 8.79
N CYS A 81 1.48 -9.86 7.67
CA CYS A 81 1.44 -8.99 6.50
C CYS A 81 0.01 -8.90 6.00
N GLN A 82 -0.68 -10.05 5.98
CA GLN A 82 -2.06 -10.09 5.53
C GLN A 82 -2.92 -9.22 6.44
N CYS A 83 -2.68 -9.33 7.75
CA CYS A 83 -3.45 -8.54 8.70
C CYS A 83 -3.37 -7.06 8.41
N THR A 84 -2.18 -6.55 8.11
CA THR A 84 -2.02 -5.14 7.81
C THR A 84 -2.73 -4.74 6.51
N SER A 85 -2.79 -5.66 5.56
CA SER A 85 -3.45 -5.40 4.27
C SER A 85 -4.94 -5.23 4.47
N VAL A 86 -5.53 -6.14 5.24
CA VAL A 86 -6.96 -6.09 5.52
C VAL A 86 -7.27 -4.75 6.18
N GLU A 87 -6.40 -4.32 7.10
CA GLU A 87 -6.61 -3.04 7.79
C GLU A 87 -6.55 -1.88 6.81
N THR A 88 -5.54 -1.91 5.94
CA THR A 88 -5.38 -0.85 4.95
C THR A 88 -6.58 -0.78 4.00
N VAL A 89 -7.22 -1.93 3.75
CA VAL A 89 -8.38 -1.96 2.88
C VAL A 89 -9.47 -1.09 3.52
N THR A 90 -9.68 -1.28 4.81
CA THR A 90 -10.67 -0.50 5.54
C THR A 90 -10.32 0.99 5.47
N GLU A 91 -9.07 1.33 5.75
CA GLU A 91 -8.65 2.73 5.72
C GLU A 91 -8.87 3.32 4.32
N LEU A 92 -8.49 2.57 3.30
CA LEU A 92 -8.63 3.02 1.91
C LEU A 92 -10.09 3.21 1.50
N THR A 93 -10.95 2.31 1.97
CA THR A 93 -12.37 2.37 1.65
C THR A 93 -12.98 3.68 2.17
N GLU A 94 -12.67 4.04 3.40
CA GLU A 94 -13.17 5.28 3.99
C GLU A 94 -12.58 6.48 3.28
N PHE A 95 -11.28 6.43 3.03
CA PHE A 95 -10.58 7.52 2.34
C PHE A 95 -11.21 7.84 0.99
N ALA A 96 -11.59 6.80 0.26
CA ALA A 96 -12.17 6.96 -1.07
C ALA A 96 -13.40 7.87 -1.15
N LYS A 97 -14.08 8.07 -0.03
CA LYS A 97 -15.28 8.92 -0.03
C LYS A 97 -14.98 10.41 -0.21
N ALA A 98 -13.74 10.82 0.05
CA ALA A 98 -13.39 12.22 -0.10
C ALA A 98 -13.04 12.58 -1.54
N ILE A 99 -13.08 11.59 -2.43
CA ILE A 99 -12.76 11.84 -3.82
C ILE A 99 -14.02 12.28 -4.57
N PRO A 100 -14.02 13.50 -5.13
CA PRO A 100 -15.19 14.01 -5.87
C PRO A 100 -15.73 12.99 -6.86
N GLY A 101 -16.94 12.50 -6.61
CA GLY A 101 -17.54 11.54 -7.52
C GLY A 101 -17.53 10.07 -7.11
N PHE A 102 -16.60 9.66 -6.26
CA PHE A 102 -16.55 8.26 -5.85
C PHE A 102 -17.83 7.77 -5.19
N ALA A 103 -18.27 8.49 -4.17
CA ALA A 103 -19.47 8.12 -3.44
C ALA A 103 -20.75 8.23 -4.27
N ASN A 104 -20.62 8.76 -5.48
CA ASN A 104 -21.77 8.91 -6.37
C ASN A 104 -21.79 7.77 -7.38
N LEU A 105 -20.72 6.98 -7.39
CA LEU A 105 -20.64 5.86 -8.31
C LEU A 105 -21.58 4.74 -7.87
N ASP A 106 -21.84 3.81 -8.79
CA ASP A 106 -22.68 2.66 -8.46
C ASP A 106 -21.89 1.89 -7.41
N LEU A 107 -22.56 1.24 -6.47
CA LEU A 107 -21.87 0.47 -5.44
C LEU A 107 -20.92 -0.55 -6.07
N ASN A 108 -21.36 -1.16 -7.18
CA ASN A 108 -20.54 -2.16 -7.88
C ASN A 108 -19.22 -1.59 -8.39
N ASP A 109 -19.27 -0.38 -8.92
CA ASP A 109 -18.07 0.27 -9.45
C ASP A 109 -17.14 0.69 -8.32
N GLN A 110 -17.69 1.09 -7.19
CA GLN A 110 -16.88 1.48 -6.04
C GLN A 110 -16.11 0.24 -5.60
N VAL A 111 -16.80 -0.88 -5.56
CA VAL A 111 -16.19 -2.15 -5.17
C VAL A 111 -15.07 -2.54 -6.14
N THR A 112 -15.36 -2.44 -7.43
CA THR A 112 -14.39 -2.77 -8.46
C THR A 112 -13.16 -1.85 -8.41
N LEU A 113 -13.38 -0.56 -8.18
CA LEU A 113 -12.27 0.37 -8.12
C LEU A 113 -11.36 0.06 -6.93
N LEU A 114 -11.96 -0.22 -5.78
CA LEU A 114 -11.16 -0.54 -4.59
C LEU A 114 -10.46 -1.89 -4.73
N LYS A 115 -11.13 -2.82 -5.40
CA LYS A 115 -10.57 -4.15 -5.59
C LYS A 115 -9.23 -4.14 -6.32
N TYR A 116 -9.16 -3.41 -7.42
CA TYR A 116 -7.93 -3.35 -8.19
C TYR A 116 -6.94 -2.30 -7.72
N GLY A 117 -7.43 -1.33 -6.95
CA GLY A 117 -6.56 -0.28 -6.49
C GLY A 117 -5.90 -0.44 -5.13
N VAL A 118 -6.52 -1.19 -4.23
CA VAL A 118 -5.97 -1.35 -2.89
C VAL A 118 -4.49 -1.71 -2.82
N TYR A 119 -4.07 -2.79 -3.47
CA TYR A 119 -2.66 -3.17 -3.41
C TYR A 119 -1.72 -2.17 -4.05
N GLU A 120 -2.17 -1.49 -5.11
CA GLU A 120 -1.32 -0.50 -5.72
C GLU A 120 -1.14 0.59 -4.66
N ALA A 121 -2.24 0.98 -4.03
CA ALA A 121 -2.19 2.02 -3.00
C ALA A 121 -1.31 1.56 -1.84
N ILE A 122 -1.52 0.32 -1.41
CA ILE A 122 -0.76 -0.27 -0.32
C ILE A 122 0.76 -0.22 -0.50
N PHE A 123 1.25 -0.65 -1.66
CA PHE A 123 2.68 -0.63 -1.90
C PHE A 123 3.24 0.78 -2.09
N ALA A 124 2.37 1.68 -2.55
CA ALA A 124 2.76 3.07 -2.73
C ALA A 124 3.00 3.70 -1.35
N MET A 125 2.04 3.54 -0.44
CA MET A 125 2.13 4.08 0.91
C MET A 125 3.17 3.36 1.77
N LEU A 126 3.43 2.10 1.45
CA LEU A 126 4.41 1.32 2.19
C LEU A 126 5.78 1.97 2.07
N SER A 127 6.02 2.64 0.94
CA SER A 127 7.29 3.31 0.70
C SER A 127 7.59 4.31 1.82
N SER A 128 6.55 4.98 2.31
CA SER A 128 6.66 5.97 3.36
C SER A 128 7.31 5.48 4.66
N VAL A 129 7.19 4.18 4.95
CA VAL A 129 7.78 3.63 6.18
C VAL A 129 8.98 2.75 5.86
N MET A 130 9.47 2.85 4.64
CA MET A 130 10.60 2.05 4.23
C MET A 130 11.81 2.92 3.93
N ASN A 131 12.98 2.42 4.28
CA ASN A 131 14.24 3.07 3.95
C ASN A 131 15.15 1.93 3.51
N LYS A 132 16.35 2.26 3.04
CA LYS A 132 17.28 1.26 2.54
C LYS A 132 17.55 0.08 3.48
N ASP A 133 17.49 0.31 4.79
CA ASP A 133 17.80 -0.75 5.75
C ASP A 133 16.64 -1.59 6.31
N GLY A 134 15.42 -1.10 6.20
CA GLY A 134 14.30 -1.85 6.71
C GLY A 134 13.00 -1.07 6.61
N MET A 135 12.03 -1.45 7.43
CA MET A 135 10.74 -0.76 7.42
C MET A 135 10.05 -0.74 8.77
N LEU A 136 9.31 0.33 8.98
CA LEU A 136 8.54 0.53 10.20
C LEU A 136 7.35 -0.42 10.12
N VAL A 137 7.04 -1.12 11.21
CA VAL A 137 5.94 -2.07 11.24
C VAL A 137 5.15 -2.04 12.54
N ALA A 138 4.03 -2.76 12.57
CA ALA A 138 3.18 -2.85 13.75
C ALA A 138 2.87 -1.48 14.37
N TYR A 139 2.17 -0.66 13.60
CA TYR A 139 1.77 0.67 14.02
C TYR A 139 2.92 1.50 14.60
N GLY A 140 4.07 1.44 13.93
CA GLY A 140 5.23 2.20 14.35
C GLY A 140 5.98 1.70 15.58
N ASN A 141 5.64 0.52 16.05
CA ASN A 141 6.29 -0.03 17.24
C ASN A 141 7.45 -0.96 16.93
N GLY A 142 7.65 -1.23 15.64
CA GLY A 142 8.73 -2.12 15.25
C GLY A 142 9.45 -1.68 13.99
N PHE A 143 10.64 -2.21 13.79
CA PHE A 143 11.44 -1.92 12.61
C PHE A 143 12.09 -3.23 12.23
N ILE A 144 11.64 -3.82 11.12
CA ILE A 144 12.21 -5.09 10.70
C ILE A 144 13.20 -4.82 9.57
N THR A 145 14.39 -5.39 9.68
CA THR A 145 15.43 -5.16 8.68
C THR A 145 15.19 -5.86 7.34
N ARG A 146 15.60 -5.18 6.28
CA ARG A 146 15.47 -5.68 4.93
C ARG A 146 16.27 -6.97 4.79
N GLU A 147 17.47 -6.99 5.40
CA GLU A 147 18.31 -8.18 5.31
C GLU A 147 17.68 -9.39 6.00
N PHE A 148 17.00 -9.17 7.13
CA PHE A 148 16.35 -10.28 7.82
C PHE A 148 15.27 -10.85 6.92
N LEU A 149 14.53 -9.97 6.25
CA LEU A 149 13.46 -10.38 5.37
C LEU A 149 14.01 -11.19 4.20
N LYS A 150 15.18 -10.79 3.72
CA LYS A 150 15.82 -11.50 2.61
C LYS A 150 16.32 -12.87 3.09
N SER A 151 16.56 -13.00 4.39
CA SER A 151 17.07 -14.25 4.94
C SER A 151 15.98 -15.32 5.11
N LEU A 152 14.72 -14.93 4.97
CA LEU A 152 13.63 -15.89 5.11
C LEU A 152 13.75 -16.91 3.98
N ARG A 153 13.31 -18.15 4.22
CA ARG A 153 13.39 -19.17 3.19
C ARG A 153 12.44 -18.85 2.05
N LYS A 154 12.74 -19.34 0.85
CA LYS A 154 11.88 -19.11 -0.30
C LYS A 154 10.59 -19.87 -0.03
N PRO A 155 9.47 -19.40 -0.60
CA PRO A 155 9.35 -18.22 -1.46
C PRO A 155 8.96 -16.96 -0.68
N PHE A 156 9.04 -17.03 0.64
CA PHE A 156 8.67 -15.89 1.47
C PHE A 156 9.60 -14.70 1.38
N CYS A 157 10.89 -14.96 1.23
CA CYS A 157 11.87 -13.89 1.12
C CYS A 157 11.68 -13.14 -0.20
N ASP A 158 10.90 -13.74 -1.10
CA ASP A 158 10.65 -13.13 -2.40
C ASP A 158 9.48 -12.18 -2.42
N ILE A 159 8.73 -12.13 -1.33
CA ILE A 159 7.61 -11.21 -1.24
C ILE A 159 8.17 -9.81 -1.02
N MET A 160 9.13 -9.77 -0.10
CA MET A 160 9.79 -8.57 0.36
C MET A 160 10.54 -7.65 -0.60
N GLU A 161 11.74 -8.06 -0.98
CA GLU A 161 12.62 -7.27 -1.86
C GLU A 161 12.02 -6.43 -2.98
N PRO A 162 11.08 -6.99 -3.74
CA PRO A 162 10.50 -6.18 -4.82
C PRO A 162 9.87 -4.88 -4.33
N LYS A 163 9.28 -4.92 -3.14
CA LYS A 163 8.65 -3.76 -2.57
C LYS A 163 9.71 -2.71 -2.17
N PHE A 164 10.83 -3.17 -1.65
CA PHE A 164 11.92 -2.27 -1.26
C PHE A 164 12.48 -1.59 -2.51
N ASP A 165 12.77 -2.38 -3.54
CA ASP A 165 13.30 -1.85 -4.79
C ASP A 165 12.41 -0.70 -5.28
N PHE A 166 11.10 -0.92 -5.28
CA PHE A 166 10.17 0.11 -5.71
C PHE A 166 10.22 1.33 -4.80
N ALA A 167 10.18 1.08 -3.49
CA ALA A 167 10.20 2.14 -2.48
C ALA A 167 11.44 3.03 -2.57
N MET A 168 12.59 2.42 -2.82
CA MET A 168 13.82 3.19 -2.92
C MET A 168 13.75 4.18 -4.09
N LYS A 169 13.18 3.76 -5.21
CA LYS A 169 13.07 4.69 -6.33
C LYS A 169 11.95 5.71 -6.07
N PHE A 170 10.84 5.24 -5.50
CA PHE A 170 9.69 6.12 -5.22
C PHE A 170 10.05 7.21 -4.21
N ASN A 171 10.80 6.84 -3.17
CA ASN A 171 11.20 7.77 -2.13
C ASN A 171 12.20 8.80 -2.63
N ALA A 172 12.90 8.49 -3.72
CA ALA A 172 13.87 9.41 -4.29
C ALA A 172 13.16 10.63 -4.90
N LEU A 173 11.86 10.49 -5.16
CA LEU A 173 11.07 11.58 -5.73
C LEU A 173 10.75 12.62 -4.65
N GLU A 174 11.08 12.29 -3.41
CA GLU A 174 10.87 13.19 -2.27
C GLU A 174 9.49 13.84 -2.24
N LEU A 175 8.44 13.01 -2.27
CA LEU A 175 7.07 13.49 -2.20
C LEU A 175 6.67 13.61 -0.73
N ASP A 176 5.70 14.47 -0.44
CA ASP A 176 5.22 14.62 0.92
C ASP A 176 3.77 14.13 0.90
N ASP A 177 3.18 14.00 2.08
CA ASP A 177 1.82 13.53 2.22
C ASP A 177 0.78 14.23 1.34
N SER A 178 0.95 15.53 1.09
CA SER A 178 -0.01 16.25 0.24
C SER A 178 0.06 15.67 -1.18
N ASP A 179 1.27 15.29 -1.59
CA ASP A 179 1.48 14.69 -2.91
C ASP A 179 0.88 13.30 -2.93
N ILE A 180 1.33 12.48 -1.97
CA ILE A 180 0.91 11.10 -1.83
C ILE A 180 -0.60 10.89 -1.74
N SER A 181 -1.26 11.74 -0.98
CA SER A 181 -2.72 11.62 -0.83
C SER A 181 -3.39 11.68 -2.19
N LEU A 182 -2.98 12.64 -3.02
CA LEU A 182 -3.54 12.81 -4.36
C LEU A 182 -3.19 11.64 -5.27
N PHE A 183 -1.99 11.10 -5.10
CA PHE A 183 -1.52 9.99 -5.90
C PHE A 183 -2.38 8.76 -5.62
N VAL A 184 -2.66 8.50 -4.35
CA VAL A 184 -3.49 7.37 -3.97
C VAL A 184 -4.89 7.56 -4.51
N ALA A 185 -5.39 8.78 -4.44
CA ALA A 185 -6.71 9.09 -4.95
C ALA A 185 -6.71 8.73 -6.45
N ALA A 186 -5.67 9.19 -7.14
CA ALA A 186 -5.54 8.95 -8.58
C ALA A 186 -5.48 7.47 -8.90
N ILE A 187 -4.80 6.69 -8.04
CA ILE A 187 -4.69 5.25 -8.22
C ILE A 187 -6.08 4.62 -8.17
N ILE A 188 -6.88 5.05 -7.20
CA ILE A 188 -8.24 4.55 -7.02
C ILE A 188 -9.15 4.89 -8.21
N CYS A 189 -9.05 6.11 -8.71
CA CYS A 189 -9.86 6.57 -9.85
C CYS A 189 -9.30 6.09 -11.16
N CYS A 190 -9.43 4.80 -11.41
CA CYS A 190 -8.88 4.23 -12.63
C CYS A 190 -10.00 3.71 -13.50
N GLY A 191 -10.18 4.34 -14.66
CA GLY A 191 -11.24 3.95 -15.58
C GLY A 191 -11.04 2.67 -16.38
N ASP A 192 -9.80 2.22 -16.55
CA ASP A 192 -9.57 1.00 -17.32
C ASP A 192 -9.57 -0.28 -16.48
N ARG A 193 -10.27 -0.25 -15.34
CA ARG A 193 -10.33 -1.43 -14.49
C ARG A 193 -11.39 -2.40 -15.01
N PRO A 194 -11.10 -3.70 -14.95
CA PRO A 194 -12.00 -4.76 -15.42
C PRO A 194 -13.37 -4.75 -14.74
N GLY A 195 -14.43 -4.92 -15.52
CA GLY A 195 -15.79 -4.97 -14.98
C GLY A 195 -16.54 -3.68 -14.71
N LEU A 196 -15.86 -2.55 -14.80
CA LEU A 196 -16.53 -1.27 -14.53
C LEU A 196 -17.78 -1.06 -15.37
N LEU A 197 -18.86 -0.70 -14.70
CA LEU A 197 -20.13 -0.48 -15.37
C LEU A 197 -20.15 0.85 -16.12
N ASN A 198 -20.03 1.95 -15.37
CA ASN A 198 -20.05 3.25 -16.02
C ASN A 198 -18.65 3.84 -16.17
N VAL A 199 -17.93 3.38 -17.19
CA VAL A 199 -16.58 3.85 -17.47
C VAL A 199 -16.46 5.34 -17.74
N GLY A 200 -17.45 5.90 -18.45
CA GLY A 200 -17.42 7.31 -18.77
C GLY A 200 -17.35 8.21 -17.56
N HIS A 201 -18.25 8.00 -16.60
CA HIS A 201 -18.27 8.80 -15.38
C HIS A 201 -16.97 8.62 -14.61
N ILE A 202 -16.47 7.40 -14.59
CA ILE A 202 -15.22 7.09 -13.89
C ILE A 202 -14.06 7.83 -14.56
N GLU A 203 -14.00 7.78 -15.90
CA GLU A 203 -12.93 8.47 -16.63
C GLU A 203 -12.98 9.95 -16.31
N LYS A 204 -14.18 10.49 -16.15
CA LYS A 204 -14.36 11.90 -15.86
C LYS A 204 -13.87 12.20 -14.45
N MET A 205 -14.17 11.29 -13.52
CA MET A 205 -13.73 11.45 -12.14
C MET A 205 -12.20 11.37 -12.09
N GLN A 206 -11.64 10.45 -12.87
CA GLN A 206 -10.20 10.25 -12.95
C GLN A 206 -9.55 11.53 -13.49
N GLU A 207 -10.06 12.00 -14.63
CA GLU A 207 -9.55 13.22 -15.26
C GLU A 207 -9.55 14.35 -14.23
N GLY A 208 -10.54 14.35 -13.36
CA GLY A 208 -10.64 15.38 -12.34
C GLY A 208 -9.51 15.31 -11.33
N ILE A 209 -9.25 14.13 -10.81
CA ILE A 209 -8.18 13.97 -9.83
C ILE A 209 -6.81 14.21 -10.44
N VAL A 210 -6.56 13.63 -11.62
CA VAL A 210 -5.26 13.80 -12.25
C VAL A 210 -5.00 15.28 -12.55
N HIS A 211 -6.08 16.01 -12.85
CA HIS A 211 -5.92 17.43 -13.12
C HIS A 211 -5.46 18.13 -11.85
N VAL A 212 -6.10 17.83 -10.72
CA VAL A 212 -5.68 18.47 -9.46
C VAL A 212 -4.28 17.99 -9.08
N LEU A 213 -4.00 16.71 -9.29
CA LEU A 213 -2.67 16.18 -8.97
C LEU A 213 -1.61 16.86 -9.81
N ARG A 214 -1.92 17.10 -11.09
CA ARG A 214 -0.93 17.75 -11.96
C ARG A 214 -0.65 19.18 -11.50
N LEU A 215 -1.70 19.92 -11.17
CA LEU A 215 -1.53 21.29 -10.72
C LEU A 215 -0.81 21.36 -9.38
N HIS A 216 -1.11 20.41 -8.50
CA HIS A 216 -0.48 20.38 -7.18
C HIS A 216 1.01 20.11 -7.28
N LEU A 217 1.40 19.16 -8.12
CA LEU A 217 2.82 18.81 -8.29
C LEU A 217 3.55 20.00 -8.89
N GLN A 218 2.87 20.72 -9.76
CA GLN A 218 3.44 21.89 -10.40
C GLN A 218 3.81 22.97 -9.38
N SER A 219 2.91 23.24 -8.44
CA SER A 219 3.18 24.27 -7.45
C SER A 219 4.02 23.81 -6.25
N ASN A 220 3.87 22.55 -5.87
CA ASN A 220 4.59 21.99 -4.71
C ASN A 220 5.97 21.45 -5.06
N HIS A 221 6.24 21.28 -6.35
CA HIS A 221 7.53 20.77 -6.82
C HIS A 221 8.04 21.50 -8.06
N PRO A 222 8.23 22.84 -7.96
CA PRO A 222 8.70 23.64 -9.09
C PRO A 222 10.08 23.23 -9.58
N ASP A 223 10.81 22.49 -8.75
CA ASP A 223 12.16 22.06 -9.10
C ASP A 223 12.23 20.82 -10.00
N ASP A 224 11.15 20.05 -10.05
CA ASP A 224 11.13 18.84 -10.87
C ASP A 224 10.00 18.95 -11.91
N ILE A 225 10.33 19.45 -13.09
CA ILE A 225 9.31 19.64 -14.13
C ILE A 225 8.76 18.35 -14.73
N PHE A 226 9.40 17.22 -14.44
CA PHE A 226 8.93 15.94 -14.97
C PHE A 226 8.26 15.06 -13.90
N LEU A 227 7.98 15.64 -12.73
CA LEU A 227 7.38 14.87 -11.65
C LEU A 227 6.05 14.19 -12.02
N PHE A 228 5.16 14.90 -12.68
CA PHE A 228 3.88 14.34 -13.08
C PHE A 228 4.09 13.11 -13.97
N PRO A 229 4.83 13.24 -15.08
CA PRO A 229 5.08 12.09 -15.97
C PRO A 229 5.66 10.90 -15.20
N LYS A 230 6.63 11.20 -14.33
CA LYS A 230 7.29 10.19 -13.52
C LYS A 230 6.26 9.44 -12.67
N LEU A 231 5.35 10.17 -12.05
CA LEU A 231 4.33 9.54 -11.22
C LEU A 231 3.35 8.69 -12.04
N LEU A 232 3.03 9.16 -13.24
CA LEU A 232 2.14 8.39 -14.11
C LEU A 232 2.85 7.06 -14.32
N GLN A 233 4.15 7.11 -14.60
CA GLN A 233 4.91 5.89 -14.80
C GLN A 233 4.90 5.02 -13.55
N LYS A 234 4.99 5.63 -12.38
CA LYS A 234 4.98 4.87 -11.13
C LYS A 234 3.67 4.11 -10.97
N MET A 235 2.58 4.68 -11.49
CA MET A 235 1.28 4.03 -11.41
C MET A 235 1.31 2.76 -12.25
N ALA A 236 1.96 2.83 -13.40
CA ALA A 236 2.11 1.67 -14.28
C ALA A 236 3.00 0.65 -13.57
N ASP A 237 4.11 1.12 -13.00
CA ASP A 237 5.01 0.22 -12.28
C ASP A 237 4.26 -0.51 -11.18
N LEU A 238 3.45 0.22 -10.42
CA LEU A 238 2.68 -0.37 -9.33
C LEU A 238 1.74 -1.46 -9.83
N ARG A 239 1.11 -1.22 -10.97
CA ARG A 239 0.21 -2.21 -11.53
C ARG A 239 0.97 -3.50 -11.84
N GLN A 240 2.16 -3.37 -12.43
CA GLN A 240 2.98 -4.53 -12.74
C GLN A 240 3.47 -5.18 -11.44
N LEU A 241 3.83 -4.35 -10.47
CA LEU A 241 4.30 -4.84 -9.18
C LEU A 241 3.23 -5.71 -8.53
N VAL A 242 1.98 -5.27 -8.61
CA VAL A 242 0.86 -5.98 -8.03
C VAL A 242 0.55 -7.32 -8.73
N THR A 243 0.55 -7.34 -10.05
CA THR A 243 0.26 -8.59 -10.74
C THR A 243 1.32 -9.63 -10.33
N GLU A 244 2.57 -9.19 -10.25
CA GLU A 244 3.66 -10.09 -9.86
C GLU A 244 3.47 -10.55 -8.41
N HIS A 245 3.09 -9.62 -7.54
CA HIS A 245 2.86 -9.97 -6.14
C HIS A 245 1.75 -11.01 -6.07
N ALA A 246 0.71 -10.83 -6.88
CA ALA A 246 -0.42 -11.77 -6.88
C ALA A 246 0.06 -13.15 -7.31
N GLN A 247 0.90 -13.20 -8.34
CA GLN A 247 1.44 -14.47 -8.82
C GLN A 247 2.18 -15.21 -7.72
N LEU A 248 3.02 -14.49 -6.96
CA LEU A 248 3.77 -15.10 -5.89
C LEU A 248 2.88 -15.53 -4.74
N VAL A 249 1.82 -14.76 -4.48
CA VAL A 249 0.90 -15.11 -3.40
C VAL A 249 0.23 -16.41 -3.81
N GLN A 250 -0.16 -16.51 -5.07
CA GLN A 250 -0.78 -17.70 -5.62
C GLN A 250 0.12 -18.91 -5.40
N ILE A 251 1.40 -18.78 -5.76
CA ILE A 251 2.37 -19.85 -5.59
C ILE A 251 2.40 -20.30 -4.13
N ILE A 252 2.48 -19.34 -3.23
CA ILE A 252 2.50 -19.66 -1.81
C ILE A 252 1.23 -20.40 -1.39
N LYS A 253 0.08 -19.90 -1.82
CA LYS A 253 -1.20 -20.52 -1.47
C LYS A 253 -1.23 -22.00 -1.84
N LYS A 254 -0.78 -22.30 -3.06
CA LYS A 254 -0.77 -23.67 -3.56
C LYS A 254 0.31 -24.57 -3.00
N THR A 255 1.53 -24.05 -2.84
CA THR A 255 2.63 -24.86 -2.36
C THR A 255 2.89 -24.86 -0.86
N GLU A 256 2.32 -23.90 -0.14
CA GLU A 256 2.51 -23.84 1.31
C GLU A 256 1.23 -24.24 2.02
N SER A 257 1.18 -25.50 2.46
CA SER A 257 0.00 -26.04 3.14
C SER A 257 -0.46 -25.32 4.42
N ASP A 258 0.48 -24.67 5.12
CA ASP A 258 0.15 -23.97 6.36
C ASP A 258 -0.06 -22.47 6.18
N ALA A 259 0.12 -21.98 4.95
CA ALA A 259 -0.03 -20.55 4.69
C ALA A 259 -1.37 -20.19 4.08
N ALA A 260 -2.41 -20.21 4.91
CA ALA A 260 -3.76 -19.89 4.44
C ALA A 260 -3.92 -18.39 4.21
N LEU A 261 -4.80 -18.04 3.28
CA LEU A 261 -5.04 -16.65 2.95
C LEU A 261 -6.38 -16.15 3.54
N HIS A 262 -6.34 -14.98 4.15
CA HIS A 262 -7.54 -14.38 4.74
C HIS A 262 -8.63 -14.21 3.68
N PRO A 263 -9.86 -14.68 3.97
CA PRO A 263 -10.99 -14.59 3.04
C PRO A 263 -11.15 -13.28 2.27
N LEU A 264 -11.00 -12.14 2.95
CA LEU A 264 -11.14 -10.87 2.26
C LEU A 264 -10.11 -10.69 1.15
N LEU A 265 -8.88 -11.13 1.42
CA LEU A 265 -7.81 -10.98 0.44
C LEU A 265 -7.98 -11.96 -0.71
N GLN A 266 -8.61 -13.10 -0.45
CA GLN A 266 -8.85 -14.07 -1.49
C GLN A 266 -9.81 -13.44 -2.47
N GLU A 267 -10.83 -12.76 -1.94
CA GLU A 267 -11.83 -12.11 -2.77
C GLU A 267 -11.21 -10.99 -3.59
N ILE A 268 -10.21 -10.34 -3.02
CA ILE A 268 -9.53 -9.25 -3.72
C ILE A 268 -8.69 -9.81 -4.85
N TYR A 269 -8.00 -10.91 -4.58
CA TYR A 269 -7.16 -11.57 -5.58
C TYR A 269 -7.97 -12.36 -6.60
N ARG A 270 -9.22 -12.64 -6.26
CA ARG A 270 -10.13 -13.41 -7.11
C ARG A 270 -10.45 -12.72 -8.43
N ASP A 271 -10.01 -13.31 -9.52
CA ASP A 271 -10.22 -12.78 -10.87
C ASP A 271 -9.55 -11.44 -11.12
N MET A 272 -8.46 -11.17 -10.41
CA MET A 272 -7.75 -9.92 -10.60
C MET A 272 -6.62 -10.15 -11.60
N TYR A 273 -5.67 -10.98 -11.22
CA TYR A 273 -4.52 -11.29 -12.06
C TYR A 273 -4.25 -12.79 -12.02
O33 S44 B . -1.74 -8.82 1.69
O34 S44 B . -0.73 -9.85 -0.02
C1 S44 B . -0.66 -9.26 1.05
C2 S44 B . 0.50 -8.96 1.76
C3 S44 B . 1.44 -10.18 1.81
C4 S44 B . 0.79 -11.36 2.51
C5 S44 B . 1.17 -7.76 1.08
C6 S44 B . 2.40 -7.29 1.81
C7 S44 B . 2.29 -6.51 3.02
C8 S44 B . 3.48 -6.05 3.72
C9 S44 B . 4.80 -6.38 3.19
C10 S44 B . 4.89 -7.17 1.97
C11 S44 B . 3.70 -7.61 1.29
O37 S44 B . 5.95 -5.95 3.86
C30 S44 B . 6.88 -5.31 2.97
C31 S44 B . 8.16 -6.10 2.93
C32 S44 B . 9.09 -5.45 1.94
C12 S44 B . 3.33 -5.26 4.93
N35 S44 B . 3.80 -5.95 6.12
C13 S44 B . 3.59 -5.30 7.32
O36 S44 B . 3.04 -4.19 7.41
C14 S44 B . 4.05 -5.96 8.45
C15 S44 B . 3.25 -5.93 9.65
C16 S44 B . 3.69 -6.57 10.86
C17 S44 B . 4.96 -7.26 10.90
C18 S44 B . 5.78 -7.29 9.69
C19 S44 B . 5.32 -6.65 8.46
C20 S44 B . 5.44 -7.91 12.21
C21 S44 B . 6.74 -7.20 12.66
C22 S44 B . 7.26 -7.82 13.98
C23 S44 B . 7.54 -9.33 13.76
C24 S44 B . 6.25 -10.04 13.32
C25 S44 B . 5.74 -9.41 12.00
C26 S44 B . 4.38 -7.74 13.34
C27 S44 B . 4.89 -8.37 14.65
C28 S44 B . 5.17 -9.88 14.42
C29 S44 B . 6.19 -7.65 15.08
#